data_9F7O
#
_entry.id   9F7O
#
_cell.length_a   87.694
_cell.length_b   87.694
_cell.length_c   273.487
_cell.angle_alpha   90.000
_cell.angle_beta   90.000
_cell.angle_gamma   120.000
#
_symmetry.space_group_name_H-M   'P 65 2 2'
#
loop_
_entity.id
_entity.type
_entity.pdbx_description
1 polymer 'UPF0309 protein SCO4393'
2 non-polymer 'SULFATE ION'
3 water water
#
_entity_poly.entity_id   1
_entity_poly.type   'polypeptide(L)'
_entity_poly.pdbx_seq_one_letter_code
;MSDHKPAGQFLDAAIDLLRRVRDEEADSIEAAGTLLADTVQNGGRLFAFGAGHSSLAAQDVVYRAGGLALMNLLTVPGVV
GIDVMPATLGSALERVDGLASAVLDSSPLRAGDALVIISLSGRNALPVEMAMHARALGLRVIGVTSVAYASQTTSRHASG
TFLKDHCDIVLDSKIAVGDAELTLDTVPAPFAPASTVVTAALMQAVTATAAATLADRGIEPPLLRSGNVDGGHEWNARVL
EQYGERIFYRR
;
_entity_poly.pdbx_strand_id   A,B
#
loop_
_chem_comp.id
_chem_comp.type
_chem_comp.name
_chem_comp.formula
SO4 non-polymer 'SULFATE ION' 'O4 S -2'
#
# COMPACT_ATOMS: atom_id res chain seq x y z
N HIS A 4 37.27 14.42 -10.52
CA HIS A 4 36.60 15.66 -10.87
C HIS A 4 36.42 16.56 -9.65
N LYS A 5 35.86 17.75 -9.87
CA LYS A 5 35.71 18.72 -8.81
C LYS A 5 34.41 18.49 -8.04
N PRO A 6 34.36 18.94 -6.78
CA PRO A 6 33.18 18.58 -5.94
C PRO A 6 31.86 19.09 -6.50
N ALA A 7 31.85 20.28 -7.10
CA ALA A 7 30.61 20.80 -7.65
C ALA A 7 30.04 19.86 -8.71
N GLY A 8 30.87 19.41 -9.64
CA GLY A 8 30.36 18.58 -10.72
C GLY A 8 29.98 17.17 -10.29
N GLN A 9 30.70 16.62 -9.31
CA GLN A 9 30.30 15.34 -8.74
C GLN A 9 28.95 15.47 -8.06
N PHE A 10 28.77 16.50 -7.25
CA PHE A 10 27.48 16.69 -6.60
C PHE A 10 26.36 16.86 -7.62
N LEU A 11 26.58 17.72 -8.63
CA LEU A 11 25.54 17.95 -9.63
C LEU A 11 25.24 16.67 -10.41
N ASP A 12 26.25 15.85 -10.69
CA ASP A 12 26.01 14.57 -11.36
C ASP A 12 25.20 13.63 -10.46
N ALA A 13 25.48 13.64 -9.16
CA ALA A 13 24.69 12.82 -8.24
C ALA A 13 23.23 13.27 -8.21
N ALA A 14 22.99 14.58 -8.26
CA ALA A 14 21.62 15.05 -8.30
C ALA A 14 20.95 14.68 -9.61
N ILE A 15 21.69 14.79 -10.72
CA ILE A 15 21.11 14.45 -12.01
C ILE A 15 20.70 12.98 -12.02
N ASP A 16 21.54 12.10 -11.45
CA ASP A 16 21.24 10.67 -11.44
C ASP A 16 20.02 10.37 -10.57
N LEU A 17 19.89 11.06 -9.43
CA LEU A 17 18.69 10.91 -8.63
C LEU A 17 17.45 11.33 -9.39
N LEU A 18 17.52 12.46 -10.10
CA LEU A 18 16.36 12.89 -10.89
C LEU A 18 16.04 11.89 -12.00
N ARG A 19 17.04 11.19 -12.53
CA ARG A 19 16.77 10.16 -13.52
C ARG A 19 16.05 8.98 -12.88
N ARG A 20 16.48 8.58 -11.68
CA ARG A 20 15.80 7.49 -11.00
C ARG A 20 14.34 7.83 -10.75
N VAL A 21 14.08 9.04 -10.24
CA VAL A 21 12.70 9.45 -10.02
C VAL A 21 11.91 9.40 -11.32
N ARG A 22 12.49 9.98 -12.39
CA ARG A 22 11.85 9.96 -13.70
C ARG A 22 11.54 8.54 -14.14
N ASP A 23 12.52 7.65 -14.01
CA ASP A 23 12.40 6.31 -14.57
C ASP A 23 11.71 5.31 -13.64
N GLU A 24 11.64 5.56 -12.33
CA GLU A 24 11.07 4.59 -11.43
C GLU A 24 9.75 5.01 -10.80
N GLU A 25 9.44 6.31 -10.80
CA GLU A 25 8.24 6.83 -10.12
C GLU A 25 7.21 7.43 -11.08
N ALA A 26 7.33 7.22 -12.39
CA ALA A 26 6.42 7.85 -13.34
C ALA A 26 4.96 7.45 -13.06
N ASP A 27 4.75 6.18 -12.70
CA ASP A 27 3.39 5.71 -12.45
C ASP A 27 2.83 6.23 -11.12
N SER A 28 3.67 6.27 -10.08
CA SER A 28 3.21 6.79 -8.80
C SER A 28 3.01 8.29 -8.85
N ILE A 29 3.85 9.00 -9.62
CA ILE A 29 3.64 10.44 -9.79
C ILE A 29 2.31 10.70 -10.46
N GLU A 30 2.01 9.97 -11.53
CA GLU A 30 0.71 10.12 -12.17
C GLU A 30 -0.42 9.78 -11.21
N ALA A 31 -0.29 8.70 -10.45
CA ALA A 31 -1.33 8.35 -9.48
C ALA A 31 -1.55 9.49 -8.47
N ALA A 32 -0.46 10.09 -7.98
CA ALA A 32 -0.61 11.19 -7.03
C ALA A 32 -1.24 12.40 -7.69
N GLY A 33 -0.73 12.79 -8.87
CA GLY A 33 -1.36 13.86 -9.61
C GLY A 33 -2.83 13.60 -9.85
N THR A 34 -3.18 12.35 -10.18
CA THR A 34 -4.59 12.03 -10.39
C THR A 34 -5.38 12.23 -9.12
N LEU A 35 -4.81 11.82 -7.97
CA LEU A 35 -5.53 11.97 -6.72
C LEU A 35 -5.79 13.45 -6.44
N LEU A 36 -4.78 14.29 -6.64
CA LEU A 36 -4.99 15.72 -6.46
C LEU A 36 -6.07 16.23 -7.42
N ALA A 37 -6.01 15.80 -8.69
CA ALA A 37 -7.05 16.21 -9.64
C ALA A 37 -8.43 15.75 -9.19
N ASP A 38 -8.54 14.49 -8.76
CA ASP A 38 -9.82 13.99 -8.26
C ASP A 38 -10.29 14.81 -7.06
N THR A 39 -9.36 15.22 -6.19
CA THR A 39 -9.74 15.98 -5.00
C THR A 39 -10.29 17.35 -5.39
N VAL A 40 -9.62 18.03 -6.31
CA VAL A 40 -10.10 19.33 -6.78
C VAL A 40 -11.47 19.19 -7.43
N GLN A 41 -11.60 18.25 -8.35
CA GLN A 41 -12.86 18.08 -9.08
C GLN A 41 -14.00 17.74 -8.13
N ASN A 42 -13.71 16.97 -7.09
CA ASN A 42 -14.77 16.57 -6.18
C ASN A 42 -15.05 17.58 -5.08
N GLY A 43 -14.42 18.75 -5.12
CA GLY A 43 -14.67 19.80 -4.14
C GLY A 43 -13.86 19.74 -2.87
N GLY A 44 -12.76 18.98 -2.84
CA GLY A 44 -11.93 18.91 -1.64
C GLY A 44 -10.78 19.91 -1.65
N ARG A 45 -10.03 19.90 -0.55
CA ARG A 45 -8.95 20.84 -0.31
C ARG A 45 -7.60 20.14 -0.41
N LEU A 46 -6.61 20.91 -0.82
CA LEU A 46 -5.26 20.39 -1.02
C LEU A 46 -4.30 21.04 -0.04
N PHE A 47 -3.47 20.22 0.63
CA PHE A 47 -2.52 20.71 1.63
C PHE A 47 -1.21 19.96 1.48
N ALA A 48 -0.11 20.63 1.84
CA ALA A 48 1.21 20.02 1.80
C ALA A 48 1.99 20.33 3.07
N PHE A 49 2.65 19.31 3.60
CA PHE A 49 3.45 19.50 4.80
C PHE A 49 4.79 18.78 4.74
N GLY A 50 5.80 19.43 5.32
CA GLY A 50 7.06 18.79 5.66
C GLY A 50 7.69 19.51 6.84
N ALA A 51 8.56 18.82 7.55
CA ALA A 51 9.19 19.36 8.74
C ALA A 51 10.63 19.79 8.45
N GLY A 52 10.98 21.00 8.86
CA GLY A 52 12.36 21.43 8.66
C GLY A 52 12.70 21.56 7.18
N HIS A 53 13.80 20.96 6.75
CA HIS A 53 14.19 21.06 5.34
C HIS A 53 13.24 20.31 4.43
N SER A 54 12.48 19.34 4.96
CA SER A 54 11.42 18.76 4.16
C SER A 54 10.29 19.74 3.90
N SER A 55 10.23 20.82 4.65
CA SER A 55 9.23 21.85 4.41
C SER A 55 9.48 22.61 3.10
N LEU A 56 10.72 22.66 2.63
CA LEU A 56 11.06 23.52 1.51
C LEU A 56 10.33 23.08 0.26
N ALA A 57 10.23 21.77 0.04
CA ALA A 57 9.52 21.28 -1.12
C ALA A 57 8.01 21.53 -0.99
N ALA A 58 7.47 21.50 0.21
CA ALA A 58 6.06 21.83 0.35
C ALA A 58 5.81 23.29 0.02
N GLN A 59 6.68 24.18 0.49
CA GLN A 59 6.54 25.60 0.19
C GLN A 59 6.70 25.86 -1.30
N ASP A 60 7.49 25.04 -2.00
CA ASP A 60 7.80 25.29 -3.41
C ASP A 60 6.59 25.11 -4.31
N VAL A 61 5.51 24.50 -3.81
CA VAL A 61 4.29 24.36 -4.59
C VAL A 61 3.17 25.23 -4.05
N VAL A 62 3.46 26.19 -3.17
CA VAL A 62 2.41 27.01 -2.55
C VAL A 62 2.60 28.46 -2.94
N TYR A 63 1.49 29.09 -3.36
CA TYR A 63 1.49 30.44 -3.91
C TYR A 63 2.66 30.61 -4.86
N ARG A 64 2.67 29.76 -5.88
CA ARG A 64 3.81 29.64 -6.78
C ARG A 64 3.37 29.96 -8.21
N ALA A 65 4.10 30.85 -8.87
CA ALA A 65 3.90 31.11 -10.29
C ALA A 65 4.05 29.81 -11.08
N GLY A 66 3.03 29.46 -11.84
CA GLY A 66 3.05 28.19 -12.54
C GLY A 66 2.66 26.99 -11.70
N GLY A 67 2.14 27.22 -10.49
CA GLY A 67 1.67 26.17 -9.63
C GLY A 67 0.18 26.34 -9.36
N LEU A 68 -0.39 25.33 -8.71
CA LEU A 68 -1.81 25.33 -8.45
C LEU A 68 -2.15 26.33 -7.36
N ALA A 69 -3.10 27.22 -7.63
CA ALA A 69 -3.56 28.14 -6.59
C ALA A 69 -4.16 27.40 -5.40
N LEU A 70 -4.61 26.17 -5.60
CA LEU A 70 -5.36 25.46 -4.58
C LEU A 70 -4.48 24.73 -3.58
N MET A 71 -3.17 24.67 -3.82
CA MET A 71 -2.27 23.99 -2.90
C MET A 71 -2.00 24.92 -1.71
N ASN A 72 -2.34 24.45 -0.51
CA ASN A 72 -2.09 25.16 0.72
C ASN A 72 -0.94 24.54 1.50
N LEU A 73 -0.30 25.37 2.33
CA LEU A 73 0.71 24.91 3.27
C LEU A 73 0.06 24.57 4.60
N LEU A 74 0.30 23.36 5.08
CA LEU A 74 -0.01 23.00 6.46
C LEU A 74 1.22 23.32 7.30
N THR A 75 1.07 24.24 8.26
CA THR A 75 2.19 24.76 9.04
C THR A 75 2.12 24.22 10.47
N VAL A 76 3.19 23.55 10.88
CA VAL A 76 3.49 23.22 12.27
C VAL A 76 4.45 24.26 12.78
N PRO A 77 4.04 25.18 13.66
CA PRO A 77 4.96 26.22 14.15
C PRO A 77 6.24 25.60 14.67
N GLY A 78 7.36 26.19 14.28
CA GLY A 78 8.66 25.72 14.69
C GLY A 78 9.37 24.84 13.68
N VAL A 79 8.64 24.21 12.76
CA VAL A 79 9.27 23.37 11.76
C VAL A 79 8.93 23.81 10.34
N VAL A 80 8.48 25.06 10.17
CA VAL A 80 8.33 25.65 8.85
C VAL A 80 9.71 26.09 8.39
N GLY A 81 10.37 25.28 7.56
CA GLY A 81 11.78 25.56 7.27
C GLY A 81 12.61 25.48 8.54
N ILE A 82 13.80 26.09 8.49
CA ILE A 82 14.67 26.19 9.67
C ILE A 82 14.49 27.57 10.30
N ASP A 83 13.31 28.14 10.08
CA ASP A 83 12.94 29.45 10.62
C ASP A 83 12.46 29.27 12.06
N VAL A 84 13.43 29.11 12.96
CA VAL A 84 13.11 28.97 14.38
C VAL A 84 14.36 29.16 15.21
N MET A 85 14.21 29.79 16.38
CA MET A 85 15.34 30.03 17.28
C MET A 85 15.15 29.26 18.58
N PRO A 86 16.12 28.41 18.97
CA PRO A 86 17.33 27.99 18.22
C PRO A 86 16.93 26.99 17.12
N ALA A 87 17.75 26.78 16.09
CA ALA A 87 17.39 25.87 15.02
C ALA A 87 17.30 24.44 15.52
N THR A 88 18.03 24.12 16.58
CA THR A 88 17.97 22.80 17.18
C THR A 88 16.56 22.47 17.68
N LEU A 89 15.77 23.48 18.03
CA LEU A 89 14.41 23.20 18.49
C LEU A 89 13.60 22.49 17.41
N GLY A 90 13.82 22.86 16.15
CA GLY A 90 13.10 22.24 15.06
C GLY A 90 13.28 20.74 15.05
N SER A 91 14.50 20.28 15.30
CA SER A 91 14.73 18.83 15.36
C SER A 91 14.01 18.21 16.55
N ALA A 92 14.02 18.89 17.69
CA ALA A 92 13.33 18.35 18.86
C ALA A 92 11.83 18.22 18.62
N LEU A 93 11.26 19.17 17.88
CA LEU A 93 9.81 19.19 17.71
C LEU A 93 9.34 18.01 16.89
N GLU A 94 10.16 17.51 15.98
CA GLU A 94 9.77 16.34 15.17
C GLU A 94 9.46 15.11 16.02
N ARG A 95 9.83 15.11 17.30
CA ARG A 95 9.65 13.96 18.17
C ARG A 95 8.55 14.19 19.19
N VAL A 96 7.83 15.29 19.08
CA VAL A 96 6.78 15.64 20.05
C VAL A 96 5.50 14.95 19.62
N ASP A 97 5.10 13.92 20.35
CA ASP A 97 3.79 13.30 20.16
C ASP A 97 2.69 14.30 20.49
N GLY A 98 1.64 14.31 19.64
CA GLY A 98 0.49 15.17 19.80
C GLY A 98 0.52 16.47 19.00
N LEU A 99 1.70 16.94 18.60
CA LEU A 99 1.77 18.17 17.81
C LEU A 99 1.04 18.02 16.48
N ALA A 100 1.31 16.93 15.75
CA ALA A 100 0.67 16.76 14.45
C ALA A 100 -0.86 16.78 14.59
N SER A 101 -1.39 16.13 15.61
CA SER A 101 -2.84 16.11 15.78
C SER A 101 -3.39 17.48 16.15
N ALA A 102 -2.68 18.22 17.00
CA ALA A 102 -3.13 19.57 17.29
C ALA A 102 -3.22 20.42 16.04
N VAL A 103 -2.19 20.36 15.18
CA VAL A 103 -2.21 21.10 13.91
C VAL A 103 -3.38 20.65 13.02
N LEU A 104 -3.50 19.33 12.82
CA LEU A 104 -4.54 18.82 11.93
C LEU A 104 -5.94 19.19 12.42
N ASP A 105 -6.22 18.98 13.71
CA ASP A 105 -7.56 19.25 14.20
C ASP A 105 -7.94 20.72 14.09
N SER A 106 -6.94 21.61 14.17
CA SER A 106 -7.20 23.04 14.07
C SER A 106 -7.35 23.50 12.64
N SER A 107 -6.83 22.74 11.69
CA SER A 107 -6.86 23.13 10.28
C SER A 107 -8.26 22.99 9.69
N PRO A 108 -8.48 23.50 8.47
CA PRO A 108 -9.74 23.26 7.76
C PRO A 108 -9.82 21.93 7.04
N LEU A 109 -8.91 20.99 7.32
CA LEU A 109 -8.89 19.73 6.60
C LEU A 109 -10.05 18.86 7.06
N ARG A 110 -10.76 18.26 6.10
CA ARG A 110 -11.91 17.40 6.32
C ARG A 110 -11.73 16.11 5.52
N ALA A 111 -12.61 15.15 5.81
CA ALA A 111 -12.63 13.89 5.10
C ALA A 111 -12.79 14.13 3.60
N GLY A 112 -12.00 13.40 2.82
CA GLY A 112 -11.93 13.61 1.39
C GLY A 112 -10.83 14.56 0.93
N ASP A 113 -10.35 15.44 1.79
CA ASP A 113 -9.25 16.31 1.39
C ASP A 113 -7.98 15.49 1.19
N ALA A 114 -7.01 16.12 0.54
CA ALA A 114 -5.75 15.46 0.20
C ALA A 114 -4.61 16.17 0.91
N LEU A 115 -3.74 15.38 1.56
CA LEU A 115 -2.57 15.93 2.24
C LEU A 115 -1.30 15.23 1.80
N VAL A 116 -0.31 16.02 1.35
CA VAL A 116 1.01 15.53 0.99
C VAL A 116 1.94 15.72 2.19
N ILE A 117 2.62 14.66 2.59
CA ILE A 117 3.53 14.69 3.72
C ILE A 117 4.93 14.36 3.22
N ILE A 118 5.85 15.30 3.38
CA ILE A 118 7.23 15.12 2.94
C ILE A 118 8.07 14.80 4.16
N SER A 119 8.71 13.63 4.13
CA SER A 119 9.61 13.22 5.20
C SER A 119 10.65 12.27 4.65
N LEU A 120 11.93 12.64 4.75
CA LEU A 120 12.97 11.85 4.12
C LEU A 120 13.03 10.45 4.73
N SER A 121 13.14 10.38 6.06
CA SER A 121 13.29 9.10 6.72
C SER A 121 11.97 8.46 7.05
N GLY A 122 10.92 9.28 7.22
CA GLY A 122 9.62 8.75 7.58
C GLY A 122 9.59 8.02 8.90
N ARG A 123 10.52 8.34 9.81
CA ARG A 123 10.64 7.59 11.06
C ARG A 123 10.34 8.40 12.31
N ASN A 124 10.15 9.70 12.23
CA ASN A 124 9.95 10.49 13.43
C ASN A 124 8.46 10.57 13.80
N ALA A 125 8.22 10.91 15.07
CA ALA A 125 6.85 10.89 15.58
C ALA A 125 5.95 11.87 14.84
N LEU A 126 6.46 13.06 14.50
CA LEU A 126 5.58 14.08 13.93
C LEU A 126 5.02 13.67 12.58
N PRO A 127 5.83 13.33 11.57
CA PRO A 127 5.26 12.95 10.27
C PRO A 127 4.48 11.64 10.31
N VAL A 128 4.89 10.68 11.12
CA VAL A 128 4.14 9.43 11.21
C VAL A 128 2.78 9.67 11.84
N GLU A 129 2.75 10.35 13.00
CA GLU A 129 1.47 10.70 13.59
C GLU A 129 0.67 11.56 12.62
N MET A 130 1.35 12.43 11.88
CA MET A 130 0.65 13.25 10.90
C MET A 130 -0.17 12.40 9.95
N ALA A 131 0.46 11.36 9.37
CA ALA A 131 -0.18 10.48 8.41
C ALA A 131 -1.26 9.64 9.08
N MET A 132 -0.95 9.04 10.22
CA MET A 132 -1.93 8.17 10.88
C MET A 132 -3.19 8.96 11.21
N HIS A 133 -3.03 10.11 11.86
CA HIS A 133 -4.19 10.88 12.27
C HIS A 133 -4.91 11.48 11.06
N ALA A 134 -4.17 11.90 10.04
CA ALA A 134 -4.81 12.37 8.81
C ALA A 134 -5.76 11.31 8.26
N ARG A 135 -5.29 10.07 8.19
CA ARG A 135 -6.13 8.99 7.67
C ARG A 135 -7.32 8.74 8.59
N ALA A 136 -7.09 8.82 9.90
CA ALA A 136 -8.20 8.66 10.85
C ALA A 136 -9.26 9.73 10.65
N LEU A 137 -8.90 10.90 10.12
CA LEU A 137 -9.87 11.92 9.80
C LEU A 137 -10.49 11.76 8.42
N GLY A 138 -10.10 10.73 7.68
CA GLY A 138 -10.65 10.50 6.36
C GLY A 138 -9.97 11.25 5.25
N LEU A 139 -8.76 11.74 5.47
CA LEU A 139 -7.99 12.40 4.44
C LEU A 139 -7.26 11.36 3.58
N ARG A 140 -6.99 11.73 2.34
CA ARG A 140 -6.09 10.96 1.49
C ARG A 140 -4.67 11.50 1.69
N VAL A 141 -3.72 10.60 1.91
CA VAL A 141 -2.37 11.00 2.23
C VAL A 141 -1.43 10.53 1.13
N ILE A 142 -0.60 11.46 0.65
CA ILE A 142 0.48 11.16 -0.29
C ILE A 142 1.76 11.37 0.47
N GLY A 143 2.60 10.35 0.57
CA GLY A 143 3.91 10.49 1.20
C GLY A 143 5.03 10.66 0.19
N VAL A 144 5.94 11.58 0.48
CA VAL A 144 7.15 11.78 -0.30
C VAL A 144 8.30 11.47 0.64
N THR A 145 8.94 10.31 0.47
CA THR A 145 9.77 9.71 1.51
C THR A 145 10.76 8.79 0.82
N SER A 146 11.92 8.59 1.43
CA SER A 146 12.91 7.67 0.89
C SER A 146 12.66 6.31 1.51
N VAL A 147 12.09 5.38 0.74
CA VAL A 147 11.65 4.11 1.33
C VAL A 147 12.84 3.31 1.82
N ALA A 148 14.00 3.51 1.20
CA ALA A 148 15.21 2.82 1.64
C ALA A 148 15.43 3.01 3.14
N TYR A 149 14.95 4.12 3.72
CA TYR A 149 15.16 4.31 5.16
C TYR A 149 14.40 3.26 5.97
N ALA A 150 13.22 2.87 5.51
CA ALA A 150 12.39 1.95 6.27
C ALA A 150 13.01 0.57 6.42
N SER A 151 13.90 0.17 5.52
CA SER A 151 14.48 -1.16 5.61
C SER A 151 15.82 -1.17 6.32
N GLN A 152 16.37 -0.01 6.69
CA GLN A 152 17.72 0.09 7.21
C GLN A 152 17.78 0.88 8.51
N THR A 153 16.64 1.30 9.05
CA THR A 153 16.60 2.05 10.28
C THR A 153 15.38 1.62 11.07
N THR A 154 15.33 2.03 12.34
CA THR A 154 14.22 1.72 13.22
C THR A 154 13.33 2.95 13.36
N SER A 155 12.03 2.71 13.42
CA SER A 155 11.09 3.80 13.60
C SER A 155 11.24 4.44 14.98
N ARG A 156 11.05 5.74 15.03
CA ARG A 156 11.04 6.48 16.29
C ARG A 156 9.63 6.79 16.77
N HIS A 157 8.60 6.37 16.04
CA HIS A 157 7.23 6.47 16.48
C HIS A 157 6.86 5.28 17.36
N ALA A 158 6.01 5.57 18.36
CA ALA A 158 5.61 4.54 19.32
C ALA A 158 5.04 3.31 18.63
N SER A 159 4.45 3.48 17.46
CA SER A 159 3.86 2.34 16.75
C SER A 159 4.90 1.45 16.08
N GLY A 160 6.14 1.90 15.94
CA GLY A 160 7.17 1.15 15.25
C GLY A 160 7.07 1.20 13.73
N THR A 161 6.05 1.85 13.19
CA THR A 161 5.86 1.97 11.75
C THR A 161 6.45 3.27 11.19
N PHE A 162 6.43 3.36 9.86
CA PHE A 162 7.01 4.46 9.12
C PHE A 162 5.92 5.20 8.36
N LEU A 163 6.28 6.39 7.90
CA LEU A 163 5.35 7.16 7.09
C LEU A 163 4.73 6.30 6.00
N LYS A 164 5.54 5.53 5.29
CA LYS A 164 5.04 4.83 4.11
C LYS A 164 3.98 3.79 4.47
N ASP A 165 4.00 3.31 5.72
CA ASP A 165 2.97 2.38 6.17
C ASP A 165 1.59 3.03 6.30
N HIS A 166 1.46 4.36 6.11
CA HIS A 166 0.19 5.03 6.36
C HIS A 166 -0.18 5.99 5.25
N CYS A 167 0.27 5.72 4.03
CA CYS A 167 -0.04 6.55 2.89
C CYS A 167 -0.96 5.82 1.92
N ASP A 168 -1.86 6.59 1.29
CA ASP A 168 -2.59 6.07 0.15
C ASP A 168 -1.69 5.93 -1.06
N ILE A 169 -0.72 6.83 -1.22
CA ILE A 169 0.24 6.80 -2.32
C ILE A 169 1.60 7.16 -1.73
N VAL A 170 2.63 6.40 -2.10
CA VAL A 170 3.99 6.61 -1.64
C VAL A 170 4.85 6.98 -2.86
N LEU A 171 5.55 8.12 -2.78
CA LEU A 171 6.52 8.54 -3.78
C LEU A 171 7.90 8.41 -3.21
N ASP A 172 8.72 7.52 -3.80
CA ASP A 172 10.07 7.24 -3.31
C ASP A 172 11.06 8.30 -3.76
N SER A 173 11.64 9.03 -2.81
CA SER A 173 12.58 10.10 -3.14
C SER A 173 14.02 9.60 -3.26
N LYS A 174 14.23 8.31 -3.07
CA LYS A 174 15.44 7.62 -3.52
C LYS A 174 16.69 7.88 -2.68
N ILE A 175 16.74 9.02 -2.00
CA ILE A 175 17.97 9.41 -1.30
C ILE A 175 18.45 8.25 -0.43
N ALA A 176 19.72 7.90 -0.54
CA ALA A 176 20.30 6.84 0.27
C ALA A 176 20.37 7.27 1.73
N VAL A 177 20.31 6.29 2.63
CA VAL A 177 20.40 6.63 4.03
C VAL A 177 21.62 7.53 4.25
N GLY A 178 21.40 8.63 4.99
CA GLY A 178 22.46 9.57 5.31
C GLY A 178 22.39 10.88 4.55
N ASP A 179 21.65 10.95 3.44
CA ASP A 179 21.41 12.20 2.72
C ASP A 179 22.74 12.95 2.50
N ALA A 180 23.63 12.29 1.77
CA ALA A 180 24.99 12.78 1.58
C ALA A 180 25.56 12.13 0.32
N GLU A 181 25.95 12.95 -0.65
CA GLU A 181 26.31 12.46 -1.99
C GLU A 181 27.80 12.49 -2.28
N LEU A 182 28.60 13.13 -1.42
CA LEU A 182 30.00 13.30 -1.68
C LEU A 182 30.83 12.72 -0.54
N THR A 183 31.98 12.18 -0.90
CA THR A 183 32.95 11.68 0.06
C THR A 183 34.32 12.16 -0.37
N LEU A 184 35.09 12.69 0.57
CA LEU A 184 36.43 13.19 0.30
C LEU A 184 37.40 12.39 1.13
N ASP A 185 38.50 11.96 0.49
CA ASP A 185 39.55 11.28 1.22
C ASP A 185 39.97 12.08 2.45
N THR A 186 39.99 13.40 2.32
CA THR A 186 40.31 14.25 3.46
C THR A 186 39.22 14.19 4.53
N VAL A 187 37.98 14.29 4.13
CA VAL A 187 36.89 14.48 5.08
C VAL A 187 36.48 13.12 5.61
N PRO A 188 36.25 12.99 6.92
CA PRO A 188 35.85 11.66 7.46
C PRO A 188 34.41 11.28 7.16
N ALA A 189 33.48 12.23 7.23
CA ALA A 189 32.07 11.97 7.04
C ALA A 189 31.59 12.41 5.67
N PRO A 190 30.71 11.63 5.04
CA PRO A 190 30.09 12.09 3.79
C PRO A 190 29.34 13.39 4.00
N PHE A 191 29.24 14.19 2.95
CA PHE A 191 28.58 15.49 3.02
C PHE A 191 27.86 15.75 1.69
N ALA A 192 27.15 16.90 1.64
CA ALA A 192 26.51 17.43 0.44
C ALA A 192 25.16 16.77 0.14
N PRO A 193 24.11 17.24 0.80
CA PRO A 193 22.80 16.62 0.61
C PRO A 193 22.00 17.16 -0.56
N ALA A 194 21.39 16.22 -1.31
CA ALA A 194 20.56 16.53 -2.47
C ALA A 194 19.07 16.35 -2.22
N SER A 195 18.66 16.12 -0.96
CA SER A 195 17.28 15.70 -0.74
C SER A 195 16.30 16.81 -1.08
N THR A 196 16.68 18.08 -0.92
CA THR A 196 15.73 19.14 -1.26
C THR A 196 15.60 19.30 -2.78
N VAL A 197 16.73 19.21 -3.48
CA VAL A 197 16.71 19.17 -4.94
C VAL A 197 15.70 18.14 -5.42
N VAL A 198 15.81 16.92 -4.90
CA VAL A 198 14.99 15.82 -5.40
C VAL A 198 13.54 16.00 -4.97
N THR A 199 13.29 16.37 -3.71
CA THR A 199 11.90 16.48 -3.28
C THR A 199 11.20 17.66 -3.94
N ALA A 200 11.92 18.75 -4.22
CA ALA A 200 11.26 19.86 -4.94
C ALA A 200 10.88 19.45 -6.35
N ALA A 201 11.79 18.75 -7.03
CA ALA A 201 11.49 18.29 -8.38
C ALA A 201 10.34 17.30 -8.38
N LEU A 202 10.35 16.39 -7.43
CA LEU A 202 9.25 15.43 -7.34
C LEU A 202 7.93 16.14 -7.10
N MET A 203 7.92 17.14 -6.21
CA MET A 203 6.66 17.85 -5.95
C MET A 203 6.18 18.63 -7.18
N GLN A 204 7.10 19.25 -7.93
CA GLN A 204 6.67 19.99 -9.10
C GLN A 204 6.07 19.06 -10.16
N ALA A 205 6.64 17.86 -10.31
CA ALA A 205 6.10 16.88 -11.24
C ALA A 205 4.67 16.48 -10.84
N VAL A 206 4.46 16.22 -9.57
CA VAL A 206 3.15 15.83 -9.10
C VAL A 206 2.11 16.92 -9.41
N THR A 207 2.41 18.16 -9.04
CA THR A 207 1.43 19.23 -9.21
C THR A 207 1.21 19.53 -10.69
N ALA A 208 2.28 19.48 -11.51
CA ALA A 208 2.11 19.65 -12.95
C ALA A 208 1.21 18.55 -13.52
N THR A 209 1.39 17.31 -13.04
CA THR A 209 0.55 16.22 -13.50
C THR A 209 -0.90 16.46 -13.14
N ALA A 210 -1.16 16.88 -11.90
CA ALA A 210 -2.53 17.19 -11.50
C ALA A 210 -3.12 18.28 -12.39
N ALA A 211 -2.30 19.26 -12.78
CA ALA A 211 -2.81 20.38 -13.58
C ALA A 211 -3.16 19.92 -15.00
N ALA A 212 -2.30 19.10 -15.58
CA ALA A 212 -2.57 18.55 -16.92
C ALA A 212 -3.78 17.63 -16.89
N THR A 213 -3.91 16.81 -15.84
CA THR A 213 -5.04 15.91 -15.76
C THR A 213 -6.36 16.66 -15.74
N LEU A 214 -6.46 17.72 -14.94
CA LEU A 214 -7.66 18.55 -14.99
C LEU A 214 -7.91 19.12 -16.39
N ALA A 215 -6.86 19.62 -17.05
CA ALA A 215 -7.01 20.09 -18.43
C ALA A 215 -7.59 18.98 -19.31
N ASP A 216 -7.00 17.78 -19.24
CA ASP A 216 -7.48 16.68 -20.07
C ASP A 216 -8.97 16.41 -19.87
N ARG A 217 -9.50 16.69 -18.67
CA ARG A 217 -10.91 16.52 -18.38
C ARG A 217 -11.74 17.76 -18.73
N GLY A 218 -11.18 18.70 -19.50
CA GLY A 218 -11.92 19.88 -19.85
C GLY A 218 -12.10 20.85 -18.71
N ILE A 219 -11.28 20.71 -17.66
CA ILE A 219 -11.30 21.65 -16.54
C ILE A 219 -10.09 22.56 -16.68
N GLU A 220 -10.34 23.85 -16.77
CA GLU A 220 -9.27 24.85 -16.78
C GLU A 220 -8.49 24.76 -15.48
N PRO A 221 -7.21 24.39 -15.52
CA PRO A 221 -6.46 24.22 -14.26
C PRO A 221 -6.25 25.55 -13.55
N PRO A 222 -6.58 25.62 -12.25
CA PRO A 222 -6.43 26.90 -11.50
C PRO A 222 -4.97 27.15 -11.12
N LEU A 223 -4.16 27.40 -12.15
CA LEU A 223 -2.77 27.75 -11.95
C LEU A 223 -2.62 29.22 -11.59
N LEU A 224 -1.57 29.53 -10.85
CA LEU A 224 -1.22 30.90 -10.57
C LEU A 224 -0.36 31.44 -11.71
N ARG A 225 -0.63 32.69 -12.09
CA ARG A 225 0.14 33.37 -13.12
C ARG A 225 1.01 34.46 -12.51
N SER A 226 2.10 34.76 -13.21
CA SER A 226 2.87 35.96 -12.87
C SER A 226 1.98 37.19 -12.97
N GLY A 227 2.10 38.09 -11.99
CA GLY A 227 1.45 39.38 -12.12
C GLY A 227 2.03 40.24 -13.23
N ASN A 228 3.28 40.00 -13.63
CA ASN A 228 3.97 40.84 -14.61
C ASN A 228 3.75 40.38 -16.04
N VAL A 229 2.75 39.53 -16.29
CA VAL A 229 2.28 39.23 -17.64
C VAL A 229 0.83 39.72 -17.73
N ASP A 230 0.50 40.36 -18.85
CA ASP A 230 -0.81 40.99 -18.96
C ASP A 230 -1.91 39.96 -18.77
N GLY A 231 -2.87 40.29 -17.90
CA GLY A 231 -3.95 39.38 -17.58
C GLY A 231 -3.70 38.47 -16.41
N GLY A 232 -2.48 38.45 -15.87
CA GLY A 232 -2.19 37.55 -14.77
C GLY A 232 -3.01 37.85 -13.53
N HIS A 233 -3.11 39.12 -13.17
CA HIS A 233 -3.88 39.48 -11.99
C HIS A 233 -5.37 39.27 -12.21
N GLU A 234 -5.87 39.59 -13.41
CA GLU A 234 -7.24 39.25 -13.76
C GLU A 234 -7.49 37.76 -13.59
N TRP A 235 -6.58 36.94 -14.10
CA TRP A 235 -6.70 35.49 -13.97
C TRP A 235 -6.70 35.08 -12.50
N ASN A 236 -5.72 35.56 -11.73
CA ASN A 236 -5.61 35.14 -10.34
C ASN A 236 -6.85 35.52 -9.54
N ALA A 237 -7.41 36.70 -9.81
CA ALA A 237 -8.60 37.13 -9.07
C ALA A 237 -9.78 36.20 -9.35
N ARG A 238 -10.00 35.86 -10.62
CA ARG A 238 -11.08 34.95 -10.97
C ARG A 238 -10.92 33.61 -10.25
N VAL A 239 -9.70 33.09 -10.19
CA VAL A 239 -9.48 31.82 -9.54
C VAL A 239 -9.77 31.91 -8.04
N LEU A 240 -9.26 32.95 -7.39
CA LEU A 240 -9.56 33.16 -5.98
C LEU A 240 -11.07 33.30 -5.77
N GLU A 241 -11.75 34.07 -6.62
CA GLU A 241 -13.18 34.22 -6.49
C GLU A 241 -13.90 32.88 -6.70
N GLN A 242 -13.38 32.05 -7.62
CA GLN A 242 -14.00 30.77 -7.88
C GLN A 242 -13.67 29.76 -6.78
N TYR A 243 -12.43 29.79 -6.28
CA TYR A 243 -11.95 28.78 -5.35
C TYR A 243 -11.56 29.37 -4.01
N GLY A 244 -11.93 30.62 -3.73
CA GLY A 244 -11.50 31.25 -2.50
C GLY A 244 -11.84 30.46 -1.24
N GLU A 245 -12.92 29.70 -1.27
CA GLU A 245 -13.31 28.93 -0.09
C GLU A 245 -12.34 27.79 0.21
N ARG A 246 -11.50 27.39 -0.74
CA ARG A 246 -10.50 26.37 -0.54
C ARG A 246 -9.07 26.92 -0.56
N ILE A 247 -8.89 28.24 -0.47
CA ILE A 247 -7.59 28.88 -0.44
C ILE A 247 -7.44 29.56 0.92
N PHE A 248 -6.38 29.19 1.65
CA PHE A 248 -6.24 29.65 3.03
C PHE A 248 -5.02 30.53 3.29
N TYR A 249 -4.21 30.80 2.27
CA TYR A 249 -3.10 31.72 2.43
C TYR A 249 -3.46 33.17 2.07
N ARG A 250 -4.71 33.43 1.73
CA ARG A 250 -5.16 34.80 1.46
C ARG A 250 -6.68 34.80 1.52
N ARG A 251 -7.26 36.01 1.49
CA ARG A 251 -8.71 36.18 1.50
C ARG A 251 -9.17 37.24 0.49
N HIS B 4 23.81 -32.63 9.17
CA HIS B 4 22.38 -32.80 8.99
C HIS B 4 21.95 -32.73 7.53
N LYS B 5 20.97 -33.56 7.16
CA LYS B 5 20.64 -33.74 5.75
C LYS B 5 19.68 -32.67 5.26
N PRO B 6 19.71 -32.40 3.95
CA PRO B 6 18.86 -31.30 3.41
C PRO B 6 17.40 -31.52 3.69
N ALA B 7 16.91 -32.74 3.50
CA ALA B 7 15.48 -32.99 3.69
C ALA B 7 15.01 -32.62 5.09
N GLY B 8 15.79 -33.03 6.10
CA GLY B 8 15.41 -32.76 7.48
C GLY B 8 15.49 -31.29 7.83
N GLN B 9 16.51 -30.62 7.30
CA GLN B 9 16.63 -29.19 7.55
C GLN B 9 15.43 -28.44 6.97
N PHE B 10 14.99 -28.84 5.79
CA PHE B 10 13.83 -28.17 5.22
C PHE B 10 12.58 -28.47 6.02
N LEU B 11 12.38 -29.74 6.39
CA LEU B 11 11.19 -30.07 7.15
C LEU B 11 11.19 -29.39 8.50
N ASP B 12 12.36 -29.28 9.15
CA ASP B 12 12.45 -28.57 10.43
C ASP B 12 12.13 -27.09 10.24
N ALA B 13 12.61 -26.50 9.15
CA ALA B 13 12.28 -25.10 8.86
C ALA B 13 10.78 -24.90 8.64
N ALA B 14 10.15 -25.82 7.90
CA ALA B 14 8.69 -25.74 7.69
C ALA B 14 7.95 -25.88 9.01
N ILE B 15 8.37 -26.82 9.84
CA ILE B 15 7.73 -26.99 11.15
C ILE B 15 7.84 -25.72 11.98
N ASP B 16 9.02 -25.09 11.96
CA ASP B 16 9.21 -23.87 12.75
C ASP B 16 8.32 -22.77 12.23
N LEU B 17 8.15 -22.68 10.91
CA LEU B 17 7.24 -21.70 10.32
C LEU B 17 5.80 -21.97 10.75
N LEU B 18 5.40 -23.25 10.76
CA LEU B 18 4.04 -23.57 11.19
C LEU B 18 3.85 -23.25 12.66
N ARG B 19 4.89 -23.43 13.49
CA ARG B 19 4.81 -23.07 14.90
C ARG B 19 4.63 -21.57 15.06
N ARG B 20 5.33 -20.78 14.23
CA ARG B 20 5.21 -19.32 14.35
C ARG B 20 3.81 -18.87 14.00
N VAL B 21 3.25 -19.42 12.93
CA VAL B 21 1.87 -19.08 12.55
C VAL B 21 0.92 -19.45 13.68
N ARG B 22 1.06 -20.66 14.23
CA ARG B 22 0.21 -21.09 15.34
C ARG B 22 0.29 -20.13 16.51
N ASP B 23 1.50 -19.76 16.93
CA ASP B 23 1.70 -19.03 18.17
C ASP B 23 1.47 -17.53 18.00
N GLU B 24 1.57 -17.00 16.78
CA GLU B 24 1.47 -15.56 16.60
C GLU B 24 0.22 -15.10 15.87
N GLU B 25 -0.43 -15.97 15.10
CA GLU B 25 -1.60 -15.56 14.31
C GLU B 25 -2.90 -16.17 14.83
N ALA B 26 -2.92 -16.63 16.09
CA ALA B 26 -4.11 -17.28 16.62
C ALA B 26 -5.30 -16.34 16.61
N ASP B 27 -5.10 -15.10 17.06
CA ASP B 27 -6.19 -14.14 17.09
C ASP B 27 -6.50 -13.57 15.71
N SER B 28 -5.50 -13.46 14.84
CA SER B 28 -5.76 -12.99 13.48
C SER B 28 -6.50 -14.05 12.68
N ILE B 29 -6.05 -15.31 12.77
CA ILE B 29 -6.77 -16.41 12.15
C ILE B 29 -8.20 -16.48 12.67
N GLU B 30 -8.38 -16.28 13.99
CA GLU B 30 -9.73 -16.34 14.54
C GLU B 30 -10.62 -15.26 13.94
N ALA B 31 -10.10 -14.02 13.88
CA ALA B 31 -10.86 -12.93 13.28
C ALA B 31 -11.23 -13.25 11.83
N ALA B 32 -10.27 -13.75 11.06
CA ALA B 32 -10.55 -14.11 9.68
C ALA B 32 -11.63 -15.18 9.59
N GLY B 33 -11.51 -16.23 10.42
CA GLY B 33 -12.52 -17.27 10.41
C GLY B 33 -13.90 -16.75 10.78
N THR B 34 -13.96 -15.89 11.79
CA THR B 34 -15.24 -15.28 12.16
C THR B 34 -15.81 -14.46 11.01
N LEU B 35 -14.97 -13.69 10.31
CA LEU B 35 -15.47 -12.88 9.19
C LEU B 35 -16.09 -13.77 8.11
N LEU B 36 -15.46 -14.90 7.78
CA LEU B 36 -16.07 -15.84 6.84
C LEU B 36 -17.41 -16.36 7.38
N ALA B 37 -17.43 -16.73 8.65
CA ALA B 37 -18.67 -17.21 9.25
C ALA B 37 -19.77 -16.16 9.13
N ASP B 38 -19.47 -14.94 9.56
CA ASP B 38 -20.44 -13.85 9.46
C ASP B 38 -20.96 -13.72 8.04
N THR B 39 -20.07 -13.72 7.06
CA THR B 39 -20.50 -13.57 5.66
C THR B 39 -21.44 -14.71 5.25
N VAL B 40 -21.12 -15.94 5.64
CA VAL B 40 -22.04 -17.04 5.37
C VAL B 40 -23.40 -16.76 6.00
N GLN B 41 -23.39 -16.43 7.30
CA GLN B 41 -24.66 -16.26 8.02
C GLN B 41 -25.47 -15.09 7.48
N ASN B 42 -24.82 -14.06 6.97
CA ASN B 42 -25.52 -12.89 6.46
C ASN B 42 -25.81 -12.97 4.97
N GLY B 43 -25.47 -14.05 4.31
CA GLY B 43 -25.89 -14.25 2.94
C GLY B 43 -24.87 -13.89 1.90
N GLY B 44 -23.66 -13.49 2.28
CA GLY B 44 -22.65 -13.09 1.33
C GLY B 44 -21.99 -14.28 0.66
N ARG B 45 -21.12 -13.99 -0.29
CA ARG B 45 -20.32 -15.00 -0.99
C ARG B 45 -18.89 -15.01 -0.46
N LEU B 46 -18.22 -16.15 -0.63
CA LEU B 46 -16.82 -16.32 -0.27
C LEU B 46 -15.99 -16.65 -1.49
N PHE B 47 -14.88 -15.92 -1.67
CA PHE B 47 -13.95 -16.14 -2.77
C PHE B 47 -12.51 -16.10 -2.27
N ALA B 48 -11.63 -16.83 -2.96
CA ALA B 48 -10.20 -16.85 -2.66
C ALA B 48 -9.42 -16.71 -3.94
N PHE B 49 -8.36 -15.90 -3.87
CA PHE B 49 -7.49 -15.68 -5.02
C PHE B 49 -6.02 -15.67 -4.62
N GLY B 50 -5.20 -16.18 -5.54
CA GLY B 50 -3.76 -15.97 -5.52
C GLY B 50 -3.23 -16.14 -6.93
N ALA B 51 -2.10 -15.50 -7.20
CA ALA B 51 -1.46 -15.60 -8.49
C ALA B 51 -0.30 -16.59 -8.44
N GLY B 52 -0.15 -17.36 -9.51
CA GLY B 52 1.02 -18.23 -9.61
C GLY B 52 1.03 -19.24 -8.48
N HIS B 53 2.19 -19.44 -7.87
CA HIS B 53 2.26 -20.39 -6.76
C HIS B 53 1.43 -19.94 -5.55
N SER B 54 1.10 -18.65 -5.46
CA SER B 54 0.16 -18.21 -4.44
C SER B 54 -1.26 -18.70 -4.68
N SER B 55 -1.54 -19.17 -5.89
CA SER B 55 -2.84 -19.75 -6.20
C SER B 55 -3.03 -21.09 -5.49
N LEU B 56 -1.95 -21.79 -5.15
CA LEU B 56 -2.10 -23.19 -4.75
C LEU B 56 -2.91 -23.30 -3.48
N ALA B 57 -2.60 -22.47 -2.49
CA ALA B 57 -3.32 -22.48 -1.21
C ALA B 57 -4.75 -22.00 -1.39
N ALA B 58 -5.02 -21.14 -2.37
CA ALA B 58 -6.42 -20.80 -2.64
C ALA B 58 -7.17 -22.00 -3.20
N GLN B 59 -6.56 -22.72 -4.13
CA GLN B 59 -7.21 -23.90 -4.70
C GLN B 59 -7.41 -24.99 -3.66
N ASP B 60 -6.54 -25.06 -2.65
CA ASP B 60 -6.62 -26.10 -1.62
C ASP B 60 -7.83 -25.95 -0.69
N VAL B 61 -8.54 -24.84 -0.73
CA VAL B 61 -9.77 -24.70 0.06
C VAL B 61 -11.01 -24.61 -0.81
N VAL B 62 -10.90 -24.90 -2.11
CA VAL B 62 -12.04 -24.88 -3.03
C VAL B 62 -12.31 -26.30 -3.52
N TYR B 63 -13.60 -26.68 -3.48
CA TYR B 63 -14.06 -28.01 -3.87
C TYR B 63 -13.21 -29.11 -3.22
N ARG B 64 -13.06 -28.99 -1.91
CA ARG B 64 -12.16 -29.82 -1.13
C ARG B 64 -12.98 -30.60 -0.12
N ALA B 65 -12.90 -31.93 -0.18
CA ALA B 65 -13.45 -32.77 0.88
C ALA B 65 -12.97 -32.25 2.23
N GLY B 66 -13.93 -31.97 3.11
CA GLY B 66 -13.58 -31.46 4.41
C GLY B 66 -13.38 -29.97 4.49
N GLY B 67 -13.63 -29.25 3.39
CA GLY B 67 -13.64 -27.81 3.39
C GLY B 67 -15.05 -27.30 3.12
N LEU B 68 -15.14 -25.98 3.08
CA LEU B 68 -16.44 -25.32 2.92
C LEU B 68 -16.87 -25.42 1.47
N ALA B 69 -18.09 -25.91 1.26
CA ALA B 69 -18.67 -25.93 -0.09
C ALA B 69 -18.86 -24.52 -0.63
N LEU B 70 -18.90 -23.51 0.24
CA LEU B 70 -19.18 -22.17 -0.22
C LEU B 70 -17.94 -21.37 -0.64
N MET B 71 -16.74 -21.90 -0.45
CA MET B 71 -15.54 -21.21 -0.88
C MET B 71 -15.39 -21.37 -2.39
N ASN B 72 -15.33 -20.26 -3.11
CA ASN B 72 -15.15 -20.23 -4.55
C ASN B 72 -13.77 -19.73 -4.93
N LEU B 73 -13.36 -20.03 -6.15
CA LEU B 73 -12.09 -19.56 -6.69
C LEU B 73 -12.33 -18.36 -7.60
N LEU B 74 -11.66 -17.26 -7.31
CA LEU B 74 -11.63 -16.11 -8.21
C LEU B 74 -10.50 -16.35 -9.20
N THR B 75 -10.81 -16.52 -10.48
CA THR B 75 -9.79 -16.90 -11.44
C THR B 75 -9.37 -15.70 -12.29
N VAL B 76 -8.06 -15.41 -12.27
CA VAL B 76 -7.45 -14.52 -13.25
C VAL B 76 -6.80 -15.39 -14.30
N PRO B 77 -7.31 -15.42 -15.53
CA PRO B 77 -6.71 -16.31 -16.55
C PRO B 77 -5.21 -16.07 -16.70
N GLY B 78 -4.45 -17.14 -16.73
CA GLY B 78 -3.02 -17.11 -16.91
C GLY B 78 -2.23 -17.22 -15.62
N VAL B 79 -2.86 -17.03 -14.47
CA VAL B 79 -2.11 -17.11 -13.23
C VAL B 79 -2.77 -18.03 -12.22
N VAL B 80 -3.67 -18.89 -12.70
CA VAL B 80 -4.24 -19.98 -11.91
C VAL B 80 -3.17 -21.05 -11.82
N GLY B 81 -2.48 -21.13 -10.69
CA GLY B 81 -1.32 -22.04 -10.75
C GLY B 81 -0.26 -21.53 -11.74
N ILE B 82 0.66 -22.43 -12.10
CA ILE B 82 1.65 -22.15 -13.13
C ILE B 82 1.23 -22.86 -14.41
N ASP B 83 -0.07 -23.09 -14.56
CA ASP B 83 -0.65 -23.73 -15.74
C ASP B 83 -0.86 -22.65 -16.81
N VAL B 84 0.25 -22.30 -17.47
CA VAL B 84 0.21 -21.26 -18.50
C VAL B 84 1.44 -21.43 -19.39
N MET B 85 1.26 -21.21 -20.69
CA MET B 85 2.35 -21.35 -21.65
C MET B 85 2.68 -20.00 -22.27
N PRO B 86 3.91 -19.49 -22.15
CA PRO B 86 5.04 -20.01 -21.37
C PRO B 86 4.83 -19.66 -19.88
N ALA B 87 5.47 -20.41 -18.97
CA ALA B 87 5.32 -20.12 -17.54
C ALA B 87 5.78 -18.71 -17.21
N THR B 88 6.69 -18.14 -18.00
CA THR B 88 7.16 -16.78 -17.74
C THR B 88 6.02 -15.76 -17.86
N LEU B 89 4.99 -16.06 -18.65
CA LEU B 89 3.88 -15.13 -18.81
C LEU B 89 3.15 -14.92 -17.49
N GLY B 90 3.07 -15.96 -16.67
CA GLY B 90 2.40 -15.82 -15.40
C GLY B 90 3.00 -14.73 -14.56
N SER B 91 4.33 -14.61 -14.57
CA SER B 91 4.97 -13.56 -13.80
C SER B 91 4.66 -12.19 -14.39
N ALA B 92 4.62 -12.09 -15.72
CA ALA B 92 4.40 -10.78 -16.34
C ALA B 92 2.99 -10.31 -16.09
N LEU B 93 2.03 -11.23 -16.07
CA LEU B 93 0.63 -10.87 -15.88
C LEU B 93 0.40 -10.22 -14.52
N GLU B 94 1.21 -10.59 -13.52
CA GLU B 94 1.09 -9.96 -12.21
C GLU B 94 1.39 -8.46 -12.24
N ARG B 95 1.98 -7.95 -13.33
CA ARG B 95 2.31 -6.53 -13.44
C ARG B 95 1.35 -5.75 -14.33
N VAL B 96 0.23 -6.34 -14.75
CA VAL B 96 -0.68 -5.69 -15.69
C VAL B 96 -1.76 -4.97 -14.89
N ASP B 97 -1.79 -3.64 -15.02
CA ASP B 97 -2.84 -2.84 -14.40
C ASP B 97 -4.15 -3.12 -15.12
N GLY B 98 -5.24 -3.17 -14.36
CA GLY B 98 -6.55 -3.37 -14.94
C GLY B 98 -7.01 -4.81 -14.99
N LEU B 99 -6.08 -5.76 -14.96
CA LEU B 99 -6.49 -7.17 -14.96
C LEU B 99 -7.38 -7.50 -13.76
N ALA B 100 -6.96 -7.07 -12.56
CA ALA B 100 -7.70 -7.44 -11.37
C ALA B 100 -9.11 -6.86 -11.38
N SER B 101 -9.25 -5.60 -11.83
CA SER B 101 -10.58 -4.99 -11.89
C SER B 101 -11.44 -5.65 -12.98
N ALA B 102 -10.85 -6.11 -14.07
CA ALA B 102 -11.64 -6.75 -15.11
C ALA B 102 -12.23 -8.06 -14.59
N VAL B 103 -11.43 -8.84 -13.84
CA VAL B 103 -11.91 -10.06 -13.23
C VAL B 103 -12.95 -9.76 -12.14
N LEU B 104 -12.68 -8.77 -11.28
CA LEU B 104 -13.61 -8.53 -10.18
C LEU B 104 -14.96 -8.09 -10.72
N ASP B 105 -14.94 -7.13 -11.66
CA ASP B 105 -16.19 -6.61 -12.22
C ASP B 105 -16.97 -7.67 -12.98
N SER B 106 -16.31 -8.71 -13.47
CA SER B 106 -17.02 -9.77 -14.17
C SER B 106 -17.57 -10.81 -13.23
N SER B 107 -17.05 -10.89 -12.01
CA SER B 107 -17.39 -11.92 -11.05
C SER B 107 -18.72 -11.60 -10.38
N PRO B 108 -19.36 -12.60 -9.78
CA PRO B 108 -20.59 -12.33 -9.02
C PRO B 108 -20.36 -11.63 -7.69
N LEU B 109 -19.15 -11.16 -7.42
CA LEU B 109 -18.87 -10.56 -6.12
C LEU B 109 -19.55 -9.21 -5.97
N ARG B 110 -20.11 -8.98 -4.77
CA ARG B 110 -20.86 -7.77 -4.48
C ARG B 110 -20.48 -7.29 -3.09
N ALA B 111 -20.89 -6.06 -2.77
CA ALA B 111 -20.59 -5.50 -1.46
C ALA B 111 -21.02 -6.44 -0.34
N GLY B 112 -20.17 -6.55 0.67
CA GLY B 112 -20.40 -7.44 1.78
C GLY B 112 -19.81 -8.82 1.61
N ASP B 113 -19.46 -9.20 0.38
CA ASP B 113 -18.79 -10.49 0.19
C ASP B 113 -17.37 -10.44 0.75
N ALA B 114 -16.82 -11.61 0.99
CA ALA B 114 -15.48 -11.76 1.53
C ALA B 114 -14.57 -12.28 0.44
N LEU B 115 -13.38 -11.68 0.32
CA LEU B 115 -12.37 -12.15 -0.62
C LEU B 115 -11.06 -12.35 0.12
N VAL B 116 -10.49 -13.55 0.01
CA VAL B 116 -9.15 -13.82 0.49
C VAL B 116 -8.16 -13.62 -0.66
N ILE B 117 -7.16 -12.77 -0.46
CA ILE B 117 -6.09 -12.56 -1.44
C ILE B 117 -4.82 -13.07 -0.82
N ILE B 118 -4.16 -14.03 -1.49
CA ILE B 118 -2.87 -14.58 -1.08
C ILE B 118 -1.81 -14.00 -1.99
N SER B 119 -0.81 -13.35 -1.40
CA SER B 119 0.39 -12.87 -2.10
C SER B 119 1.53 -12.80 -1.10
N LEU B 120 2.59 -13.57 -1.33
CA LEU B 120 3.70 -13.60 -0.37
C LEU B 120 4.31 -12.22 -0.14
N SER B 121 4.87 -11.61 -1.19
CA SER B 121 5.47 -10.30 -1.00
C SER B 121 4.44 -9.16 -1.02
N GLY B 122 3.27 -9.38 -1.60
CA GLY B 122 2.25 -8.36 -1.67
C GLY B 122 2.67 -7.10 -2.40
N ARG B 123 3.67 -7.18 -3.27
CA ARG B 123 4.22 -5.98 -3.90
C ARG B 123 3.81 -5.77 -5.35
N ASN B 124 3.26 -6.79 -6.02
CA ASN B 124 2.97 -6.67 -7.43
C ASN B 124 1.63 -5.98 -7.71
N ALA B 125 1.52 -5.47 -8.93
CA ALA B 125 0.36 -4.66 -9.30
C ALA B 125 -0.95 -5.45 -9.21
N LEU B 126 -0.93 -6.71 -9.63
CA LEU B 126 -2.17 -7.48 -9.67
C LEU B 126 -2.80 -7.68 -8.31
N PRO B 127 -2.09 -8.24 -7.32
CA PRO B 127 -2.73 -8.42 -6.00
C PRO B 127 -3.04 -7.12 -5.31
N VAL B 128 -2.23 -6.08 -5.49
CA VAL B 128 -2.51 -4.84 -4.79
C VAL B 128 -3.80 -4.20 -5.31
N GLU B 129 -3.90 -4.05 -6.63
CA GLU B 129 -5.13 -3.58 -7.26
C GLU B 129 -6.31 -4.46 -6.86
N MET B 130 -6.12 -5.77 -6.83
CA MET B 130 -7.22 -6.65 -6.43
C MET B 130 -7.78 -6.24 -5.07
N ALA B 131 -6.91 -6.02 -4.09
CA ALA B 131 -7.35 -5.63 -2.76
C ALA B 131 -7.95 -4.23 -2.76
N MET B 132 -7.32 -3.29 -3.46
CA MET B 132 -7.83 -1.92 -3.48
C MET B 132 -9.19 -1.85 -4.15
N HIS B 133 -9.35 -2.51 -5.29
CA HIS B 133 -10.63 -2.45 -6.00
C HIS B 133 -11.71 -3.27 -5.31
N ALA B 134 -11.33 -4.36 -4.66
CA ALA B 134 -12.28 -5.15 -3.89
C ALA B 134 -12.88 -4.32 -2.75
N ARG B 135 -12.05 -3.58 -2.03
CA ARG B 135 -12.56 -2.70 -0.99
C ARG B 135 -13.45 -1.61 -1.56
N ALA B 136 -13.03 -1.02 -2.68
CA ALA B 136 -13.85 0.02 -3.29
C ALA B 136 -15.22 -0.50 -3.68
N LEU B 137 -15.34 -1.80 -3.96
CA LEU B 137 -16.62 -2.40 -4.29
C LEU B 137 -17.41 -2.84 -3.07
N GLY B 138 -16.85 -2.66 -1.88
CA GLY B 138 -17.53 -3.02 -0.65
C GLY B 138 -17.24 -4.42 -0.17
N LEU B 139 -16.23 -5.09 -0.71
CA LEU B 139 -15.86 -6.39 -0.19
C LEU B 139 -15.01 -6.25 1.06
N ARG B 140 -15.09 -7.23 1.95
CA ARG B 140 -14.14 -7.37 3.05
C ARG B 140 -12.99 -8.20 2.51
N VAL B 141 -11.75 -7.79 2.80
CA VAL B 141 -10.58 -8.44 2.23
C VAL B 141 -9.72 -9.00 3.34
N ILE B 142 -9.43 -10.31 3.26
CA ILE B 142 -8.43 -10.97 4.09
C ILE B 142 -7.19 -11.15 3.23
N GLY B 143 -6.03 -10.75 3.77
CA GLY B 143 -4.78 -10.85 3.06
C GLY B 143 -3.88 -11.90 3.71
N VAL B 144 -3.32 -12.77 2.89
CA VAL B 144 -2.36 -13.78 3.34
C VAL B 144 -1.04 -13.41 2.69
N THR B 145 -0.12 -12.86 3.47
CA THR B 145 1.04 -12.17 2.92
C THR B 145 2.10 -12.12 4.01
N SER B 146 3.36 -12.23 3.62
CA SER B 146 4.45 -12.06 4.58
C SER B 146 4.72 -10.57 4.79
N VAL B 147 4.44 -10.04 5.98
CA VAL B 147 4.55 -8.59 6.15
C VAL B 147 6.02 -8.14 6.12
N ALA B 148 6.93 -9.03 6.49
CA ALA B 148 8.35 -8.71 6.45
C ALA B 148 8.78 -8.14 5.10
N TYR B 149 8.11 -8.54 4.01
CA TYR B 149 8.49 -8.05 2.69
C TYR B 149 8.26 -6.54 2.55
N ALA B 150 7.27 -5.99 3.28
CA ALA B 150 6.85 -4.63 3.02
C ALA B 150 7.89 -3.62 3.48
N SER B 151 8.72 -3.97 4.46
CA SER B 151 9.73 -3.01 4.88
C SER B 151 11.07 -3.25 4.22
N GLN B 152 11.28 -4.41 3.60
CA GLN B 152 12.56 -4.73 3.00
C GLN B 152 12.55 -4.75 1.49
N THR B 153 11.42 -4.46 0.85
CA THR B 153 11.34 -4.41 -0.61
C THR B 153 10.59 -3.16 -1.04
N THR B 154 10.46 -2.99 -2.35
CA THR B 154 9.77 -1.85 -2.93
C THR B 154 8.51 -2.30 -3.66
N SER B 155 7.45 -1.54 -3.47
CA SER B 155 6.19 -1.84 -4.15
C SER B 155 6.38 -1.77 -5.66
N ARG B 156 5.69 -2.64 -6.39
CA ARG B 156 5.63 -2.55 -7.84
C ARG B 156 4.27 -2.07 -8.33
N HIS B 157 3.41 -1.65 -7.41
CA HIS B 157 2.13 -1.06 -7.74
C HIS B 157 2.27 0.45 -7.87
N ALA B 158 1.41 1.06 -8.70
CA ALA B 158 1.46 2.49 -8.91
C ALA B 158 1.33 3.28 -7.60
N SER B 159 0.53 2.78 -6.64
CA SER B 159 0.35 3.47 -5.37
C SER B 159 1.61 3.47 -4.53
N GLY B 160 2.57 2.59 -4.84
CA GLY B 160 3.73 2.43 -4.00
C GLY B 160 3.47 1.74 -2.68
N THR B 161 2.27 1.20 -2.49
CA THR B 161 1.89 0.50 -1.29
C THR B 161 1.90 -1.01 -1.51
N PHE B 162 1.49 -1.75 -0.49
CA PHE B 162 1.56 -3.20 -0.48
C PHE B 162 0.19 -3.78 -0.16
N LEU B 163 0.03 -5.06 -0.46
CA LEU B 163 -1.21 -5.75 -0.12
C LEU B 163 -1.59 -5.50 1.34
N LYS B 164 -0.62 -5.59 2.25
CA LYS B 164 -0.94 -5.47 3.67
C LYS B 164 -1.64 -4.15 3.99
N ASP B 165 -1.50 -3.15 3.10
CA ASP B 165 -2.05 -1.82 3.34
C ASP B 165 -3.51 -1.70 2.92
N HIS B 166 -4.11 -2.75 2.38
CA HIS B 166 -5.45 -2.63 1.84
C HIS B 166 -6.30 -3.82 2.23
N CYS B 167 -6.13 -4.30 3.44
CA CYS B 167 -6.85 -5.47 3.93
C CYS B 167 -7.65 -5.11 5.18
N ASP B 168 -8.81 -5.76 5.33
CA ASP B 168 -9.55 -5.66 6.57
C ASP B 168 -8.89 -6.49 7.65
N ILE B 169 -8.33 -7.64 7.29
CA ILE B 169 -7.62 -8.53 8.21
C ILE B 169 -6.37 -9.01 7.49
N VAL B 170 -5.24 -9.01 8.21
CA VAL B 170 -3.96 -9.44 7.65
C VAL B 170 -3.52 -10.70 8.38
N LEU B 171 -3.27 -11.77 7.63
CA LEU B 171 -2.65 -12.99 8.13
C LEU B 171 -1.20 -12.98 7.65
N ASP B 172 -0.26 -12.88 8.58
CA ASP B 172 1.17 -12.84 8.28
C ASP B 172 1.68 -14.25 8.07
N SER B 173 2.11 -14.57 6.84
CA SER B 173 2.59 -15.90 6.49
C SER B 173 4.06 -16.12 6.84
N LYS B 174 4.69 -15.12 7.42
CA LYS B 174 5.94 -15.32 8.14
C LYS B 174 7.19 -15.59 7.32
N ILE B 175 7.03 -16.01 6.05
CA ILE B 175 8.18 -16.38 5.24
C ILE B 175 9.16 -15.23 5.12
N ALA B 176 10.43 -15.50 5.42
CA ALA B 176 11.46 -14.48 5.31
C ALA B 176 11.71 -14.10 3.85
N VAL B 177 12.13 -12.84 3.64
CA VAL B 177 12.39 -12.36 2.28
C VAL B 177 13.31 -13.33 1.56
N GLY B 178 12.93 -13.72 0.34
CA GLY B 178 13.68 -14.68 -0.47
C GLY B 178 13.02 -16.03 -0.62
N ASP B 179 12.05 -16.37 0.23
CA ASP B 179 11.31 -17.63 0.15
C ASP B 179 12.24 -18.82 -0.08
N ALA B 180 13.17 -19.00 0.85
CA ALA B 180 14.16 -20.06 0.71
C ALA B 180 14.62 -20.42 2.12
N GLU B 181 14.48 -21.69 2.49
CA GLU B 181 14.76 -22.11 3.86
C GLU B 181 16.10 -22.81 4.00
N LEU B 182 16.80 -23.10 2.91
CA LEU B 182 18.09 -23.78 2.97
C LEU B 182 19.17 -22.88 2.37
N THR B 183 20.27 -22.74 3.09
CA THR B 183 21.48 -22.11 2.58
C THR B 183 22.60 -23.11 2.81
N LEU B 184 23.17 -23.65 1.72
CA LEU B 184 24.27 -24.59 1.78
C LEU B 184 25.54 -23.94 1.24
N ASP B 185 26.66 -24.15 1.92
CA ASP B 185 27.95 -23.66 1.44
C ASP B 185 28.14 -24.01 -0.03
N THR B 186 27.68 -25.20 -0.44
CA THR B 186 27.94 -25.76 -1.76
C THR B 186 26.99 -25.23 -2.83
N VAL B 187 26.09 -24.31 -2.48
CA VAL B 187 25.11 -23.76 -3.40
C VAL B 187 25.16 -22.24 -3.30
N PRO B 188 25.33 -21.50 -4.40
CA PRO B 188 25.63 -20.06 -4.29
C PRO B 188 24.45 -19.20 -3.87
N ALA B 189 23.22 -19.68 -3.94
CA ALA B 189 22.08 -18.90 -3.49
C ALA B 189 21.21 -19.76 -2.59
N PRO B 190 20.49 -19.17 -1.63
CA PRO B 190 19.52 -19.96 -0.87
C PRO B 190 18.45 -20.55 -1.79
N PHE B 191 17.84 -21.64 -1.33
CA PHE B 191 16.86 -22.37 -2.12
C PHE B 191 15.90 -23.11 -1.18
N ALA B 192 14.94 -23.82 -1.79
CA ALA B 192 13.91 -24.64 -1.14
C ALA B 192 12.82 -23.78 -0.49
N PRO B 193 11.81 -23.38 -1.26
CA PRO B 193 10.78 -22.50 -0.69
C PRO B 193 9.72 -23.31 0.02
N ALA B 194 9.26 -22.77 1.14
CA ALA B 194 8.21 -23.40 1.93
C ALA B 194 6.93 -22.58 1.92
N SER B 195 6.81 -21.59 1.05
CA SER B 195 5.70 -20.65 1.14
C SER B 195 4.36 -21.34 0.88
N THR B 196 4.35 -22.40 0.05
CA THR B 196 3.08 -23.10 -0.19
C THR B 196 2.71 -24.02 0.96
N VAL B 197 3.71 -24.64 1.56
CA VAL B 197 3.45 -25.41 2.78
C VAL B 197 2.74 -24.53 3.80
N VAL B 198 3.28 -23.31 4.02
CA VAL B 198 2.77 -22.45 5.09
C VAL B 198 1.42 -21.86 4.71
N THR B 199 1.28 -21.33 3.49
CA THR B 199 0.02 -20.67 3.15
C THR B 199 -1.14 -21.67 3.05
N ALA B 200 -0.88 -22.87 2.54
CA ALA B 200 -1.94 -23.88 2.56
C ALA B 200 -2.39 -24.17 3.99
N ALA B 201 -1.45 -24.32 4.92
CA ALA B 201 -1.83 -24.60 6.30
C ALA B 201 -2.58 -23.43 6.92
N LEU B 202 -2.19 -22.21 6.57
CA LEU B 202 -2.87 -21.03 7.07
C LEU B 202 -4.29 -20.93 6.50
N MET B 203 -4.47 -21.27 5.23
CA MET B 203 -5.85 -21.22 4.69
C MET B 203 -6.74 -22.28 5.34
N GLN B 204 -6.22 -23.50 5.53
CA GLN B 204 -7.04 -24.54 6.16
C GLN B 204 -7.42 -24.15 7.60
N ALA B 205 -6.52 -23.46 8.31
CA ALA B 205 -6.83 -23.08 9.68
C ALA B 205 -7.93 -22.03 9.71
N VAL B 206 -7.90 -21.09 8.76
CA VAL B 206 -8.94 -20.09 8.67
C VAL B 206 -10.28 -20.76 8.38
N THR B 207 -10.32 -21.61 7.34
CA THR B 207 -11.62 -22.15 6.95
C THR B 207 -12.14 -23.14 8.00
N ALA B 208 -11.25 -23.93 8.60
CA ALA B 208 -11.67 -24.81 9.69
C ALA B 208 -12.29 -24.02 10.82
N THR B 209 -11.70 -22.85 11.13
CA THR B 209 -12.25 -21.96 12.14
C THR B 209 -13.65 -21.47 11.74
N ALA B 210 -13.81 -21.02 10.50
CA ALA B 210 -15.13 -20.61 10.02
C ALA B 210 -16.15 -21.72 10.24
N ALA B 211 -15.82 -22.94 9.84
CA ALA B 211 -16.78 -24.02 10.03
C ALA B 211 -17.14 -24.20 11.51
N ALA B 212 -16.12 -24.29 12.37
CA ALA B 212 -16.36 -24.49 13.79
C ALA B 212 -17.19 -23.35 14.39
N THR B 213 -16.89 -22.11 14.00
CA THR B 213 -17.67 -20.99 14.49
C THR B 213 -19.14 -21.10 14.10
N LEU B 214 -19.41 -21.49 12.84
CA LEU B 214 -20.79 -21.67 12.42
C LEU B 214 -21.48 -22.75 13.25
N ALA B 215 -20.79 -23.85 13.53
CA ALA B 215 -21.39 -24.92 14.33
C ALA B 215 -21.72 -24.41 15.73
N ASP B 216 -20.82 -23.61 16.31
CA ASP B 216 -21.07 -23.02 17.62
C ASP B 216 -22.36 -22.21 17.62
N ARG B 217 -22.67 -21.55 16.51
CA ARG B 217 -23.85 -20.70 16.40
C ARG B 217 -25.09 -21.48 16.02
N GLY B 218 -25.02 -22.80 16.01
CA GLY B 218 -26.17 -23.61 15.66
C GLY B 218 -26.46 -23.64 14.19
N ILE B 219 -25.48 -23.27 13.38
CA ILE B 219 -25.57 -23.23 11.93
C ILE B 219 -24.69 -24.37 11.40
N GLU B 220 -25.34 -25.42 10.93
CA GLU B 220 -24.63 -26.52 10.30
C GLU B 220 -23.62 -25.99 9.27
N PRO B 221 -22.32 -26.16 9.51
CA PRO B 221 -21.33 -25.69 8.53
C PRO B 221 -21.48 -26.45 7.23
N PRO B 222 -21.62 -25.73 6.09
CA PRO B 222 -21.81 -26.41 4.78
C PRO B 222 -20.50 -26.96 4.22
N LEU B 223 -19.97 -27.96 4.90
CA LEU B 223 -18.77 -28.65 4.48
C LEU B 223 -19.07 -29.66 3.38
N LEU B 224 -18.10 -29.85 2.50
CA LEU B 224 -18.16 -30.87 1.48
C LEU B 224 -17.75 -32.19 2.08
N ARG B 225 -18.38 -33.28 1.65
CA ARG B 225 -17.96 -34.62 2.02
C ARG B 225 -17.46 -35.37 0.81
N SER B 226 -16.66 -36.42 1.09
CA SER B 226 -16.21 -37.34 0.06
C SER B 226 -17.40 -38.08 -0.54
N GLY B 227 -17.33 -38.33 -1.84
CA GLY B 227 -18.30 -39.20 -2.45
C GLY B 227 -18.10 -40.67 -2.15
N ASN B 228 -17.01 -41.03 -1.46
CA ASN B 228 -16.73 -42.41 -1.13
C ASN B 228 -17.15 -42.79 0.29
N VAL B 229 -17.94 -41.94 0.94
CA VAL B 229 -18.58 -42.26 2.22
C VAL B 229 -20.08 -42.34 1.99
N ASP B 230 -20.72 -43.33 2.60
CA ASP B 230 -22.17 -43.44 2.49
C ASP B 230 -22.83 -42.15 2.95
N GLY B 231 -23.74 -41.64 2.13
CA GLY B 231 -24.44 -40.41 2.42
C GLY B 231 -23.76 -39.14 1.98
N GLY B 232 -22.52 -39.23 1.50
CA GLY B 232 -21.81 -38.02 1.12
C GLY B 232 -22.45 -37.28 -0.05
N HIS B 233 -22.90 -38.02 -1.06
CA HIS B 233 -23.53 -37.41 -2.21
C HIS B 233 -24.88 -36.79 -1.85
N GLU B 234 -25.65 -37.47 -1.00
CA GLU B 234 -26.89 -36.86 -0.52
C GLU B 234 -26.60 -35.61 0.30
N TRP B 235 -25.62 -35.68 1.20
CA TRP B 235 -25.22 -34.51 1.97
C TRP B 235 -24.84 -33.36 1.05
N ASN B 236 -23.88 -33.61 0.14
CA ASN B 236 -23.45 -32.56 -0.78
C ASN B 236 -24.61 -32.04 -1.61
N ALA B 237 -25.56 -32.90 -1.98
CA ALA B 237 -26.70 -32.45 -2.78
C ALA B 237 -27.61 -31.53 -1.96
N ARG B 238 -27.77 -31.80 -0.67
CA ARG B 238 -28.60 -30.95 0.17
C ARG B 238 -27.94 -29.59 0.39
N VAL B 239 -26.62 -29.59 0.57
CA VAL B 239 -25.90 -28.32 0.67
C VAL B 239 -26.04 -27.55 -0.63
N LEU B 240 -25.82 -28.20 -1.78
CA LEU B 240 -25.94 -27.50 -3.04
C LEU B 240 -27.34 -26.91 -3.25
N GLU B 241 -28.37 -27.65 -2.86
CA GLU B 241 -29.73 -27.11 -2.99
C GLU B 241 -29.97 -25.94 -2.04
N GLN B 242 -29.29 -25.91 -0.91
CA GLN B 242 -29.49 -24.83 0.05
C GLN B 242 -28.64 -23.61 -0.28
N TYR B 243 -27.44 -23.81 -0.85
CA TYR B 243 -26.49 -22.72 -1.07
C TYR B 243 -26.07 -22.58 -2.53
N GLY B 244 -26.85 -23.14 -3.47
CA GLY B 244 -26.44 -23.15 -4.87
C GLY B 244 -26.19 -21.77 -5.45
N GLU B 245 -27.04 -20.81 -5.10
CA GLU B 245 -26.91 -19.46 -5.63
C GLU B 245 -25.58 -18.81 -5.28
N ARG B 246 -24.86 -19.37 -4.30
CA ARG B 246 -23.58 -18.84 -3.87
C ARG B 246 -22.42 -19.78 -4.16
N ILE B 247 -22.64 -20.80 -5.00
CA ILE B 247 -21.62 -21.75 -5.42
C ILE B 247 -21.45 -21.64 -6.92
N PHE B 248 -20.24 -21.31 -7.37
CA PHE B 248 -20.01 -21.01 -8.77
C PHE B 248 -19.08 -21.97 -9.51
N TYR B 249 -18.49 -22.94 -8.83
CA TYR B 249 -17.72 -23.98 -9.50
C TYR B 249 -18.61 -25.11 -10.03
N ARG B 250 -19.91 -25.09 -9.75
CA ARG B 250 -20.82 -26.04 -10.36
C ARG B 250 -22.24 -25.51 -10.22
N ARG B 251 -23.18 -26.19 -10.89
CA ARG B 251 -24.56 -25.76 -10.94
C ARG B 251 -25.58 -26.84 -10.60
S SO4 C . 12.38 14.20 7.88
O1 SO4 C . 10.94 14.09 8.30
O2 SO4 C . 12.54 14.93 6.56
O3 SO4 C . 13.04 12.86 7.69
O4 SO4 C . 13.17 14.96 8.94
S SO4 D . 18.97 10.86 -20.13
O1 SO4 D . 18.88 11.97 -19.11
O2 SO4 D . 17.83 11.06 -21.09
O3 SO4 D . 20.30 10.95 -20.81
O4 SO4 D . 18.90 9.50 -19.50
S SO4 E . 3.50 -13.38 -4.99
O1 SO4 E . 4.25 -13.53 -6.30
O2 SO4 E . 3.07 -14.74 -4.50
O3 SO4 E . 2.27 -12.57 -5.26
O4 SO4 E . 4.39 -12.71 -3.98
S SO4 F . 5.41 -27.79 19.95
O1 SO4 F . 5.05 -28.10 18.52
O2 SO4 F . 4.16 -27.72 20.79
O3 SO4 F . 6.32 -28.88 20.46
O4 SO4 F . 6.13 -26.47 20.02
#